data_2GUE
#
_entry.id   2GUE
#
_cell.length_a   33.83
_cell.length_b   65.45
_cell.length_c   96.18
_cell.angle_alpha   90
_cell.angle_beta   90
_cell.angle_gamma   90
#
_symmetry.space_group_name_H-M   'P 21 21 21'
#
loop_
_entity.id
_entity.type
_entity.pdbx_description
1 polymer griffithsin
2 non-polymer 'SULFATE ION'
3 non-polymer 1,2-ETHANEDIOL
4 non-polymer 2-acetamido-2-deoxy-beta-D-glucopyranose
5 water water
#
_entity_poly.entity_id   1
_entity_poly.type   'polypeptide(L)'
_entity_poly.pdbx_seq_one_letter_code
;(ACE)SLTHRKFGGSGGSPFSGLSSIAVRSGSYLDAIIIDGVHHGGSGGNLSPTFTFGSGEYISNMTIRSGDYIDNISFE
TNMGRRFGPYGGSGGSANTLSNVKVIQINGSAGDYLDSLDIYYEQY
;
_entity_poly.pdbx_strand_id   A,B
#
loop_
_chem_comp.id
_chem_comp.type
_chem_comp.name
_chem_comp.formula
ACE non-polymer 'ACETYL GROUP' 'C2 H4 O'
EDO non-polymer 1,2-ETHANEDIOL 'C2 H6 O2'
NAG D-saccharide, beta linking 2-acetamido-2-deoxy-beta-D-glucopyranose 'C8 H15 N O6'
SO4 non-polymer 'SULFATE ION' 'O4 S -2'
#
# COMPACT_ATOMS: atom_id res chain seq x y z
C ACE A 1 12.24 11.48 -5.20
O ACE A 1 12.88 10.51 -4.77
CH3 ACE A 1 11.62 11.52 -6.57
N SER A 2 11.88 12.48 -4.37
CA SER A 2 12.28 12.50 -2.94
C SER A 2 11.19 11.87 -2.03
N LEU A 3 11.54 10.78 -1.37
CA LEU A 3 10.62 10.00 -0.56
C LEU A 3 10.33 10.69 0.74
N THR A 4 9.05 10.84 1.04
CA THR A 4 8.57 11.57 2.21
C THR A 4 7.12 11.18 2.56
N HIS A 5 6.52 11.90 3.51
CA HIS A 5 5.08 11.73 3.78
C HIS A 5 4.47 12.98 4.37
N ARG A 6 3.16 13.03 4.41
CA ARG A 6 2.47 14.16 5.01
C ARG A 6 1.14 13.70 5.61
N LYS A 7 0.89 14.10 6.87
CA LYS A 7 -0.41 13.91 7.57
C LYS A 7 -1.40 15.04 7.38
N PHE A 8 -2.65 14.69 7.08
CA PHE A 8 -3.78 15.61 6.89
C PHE A 8 -4.85 15.17 7.92
N GLY A 9 -5.66 16.10 8.40
CA GLY A 9 -6.74 15.81 9.38
C GLY A 9 -6.25 15.93 10.83
N GLY A 10 -7.00 15.30 11.76
CA GLY A 10 -6.73 15.34 13.22
C GLY A 10 -6.14 14.13 13.95
N SER A 11 -6.33 14.08 15.29
CA SER A 11 -5.55 13.17 16.15
C SER A 11 -6.27 11.93 16.72
N GLY A 12 -7.52 11.72 16.35
CA GLY A 12 -8.30 10.63 16.90
C GLY A 12 -8.24 9.35 16.09
N GLY A 13 -9.19 8.45 16.33
CA GLY A 13 -9.38 7.23 15.54
C GLY A 13 -8.29 6.20 15.76
N SER A 14 -8.43 5.07 15.08
CA SER A 14 -7.49 3.98 15.23
C SER A 14 -6.69 3.93 13.94
N PRO A 15 -5.38 3.70 14.07
CA PRO A 15 -4.49 3.67 12.89
C PRO A 15 -4.84 2.51 11.94
N PHE A 16 -4.75 2.79 10.63
CA PHE A 16 -4.83 1.73 9.60
C PHE A 16 -3.68 1.87 8.55
N SER A 17 -3.34 0.76 7.86
CA SER A 17 -2.38 0.78 6.72
C SER A 17 -3.10 0.33 5.46
N GLY A 18 -2.70 0.89 4.32
CA GLY A 18 -3.22 0.46 3.07
C GLY A 18 -2.80 -0.97 2.76
N LEU A 19 -1.71 -1.41 3.41
CA LEU A 19 -1.18 -2.77 3.24
C LEU A 19 -1.81 -3.66 4.34
N SER A 20 -2.67 -4.56 3.91
CA SER A 20 -3.50 -5.28 4.86
C SER A 20 -3.38 -6.80 4.70
N SER A 21 -3.03 -7.28 3.50
CA SER A 21 -2.90 -8.71 3.30
C SER A 21 -1.83 -9.15 2.30
N ILE A 22 -1.23 -10.31 2.58
CA ILE A 22 -0.17 -10.91 1.73
C ILE A 22 -0.31 -12.43 1.58
N ALA A 23 -0.32 -12.85 0.32
CA ALA A 23 -0.08 -14.24 -0.03
C ALA A 23 1.00 -14.30 -1.13
N VAL A 24 1.54 -15.46 -1.41
CA VAL A 24 2.49 -15.62 -2.51
C VAL A 24 2.13 -16.92 -3.28
N ARG A 25 2.55 -17.03 -4.55
CA ARG A 25 2.57 -18.35 -5.24
C ARG A 25 4.08 -18.71 -5.44
N SER A 26 4.49 -19.90 -5.04
CA SER A 26 5.88 -20.26 -5.03
C SER A 26 6.15 -21.77 -5.14
N GLY A 27 7.35 -22.06 -5.65
CA GLY A 27 8.02 -23.35 -5.53
C GLY A 27 9.42 -23.06 -5.05
N SER A 28 10.34 -23.10 -6.00
CA SER A 28 11.77 -22.93 -5.80
C SER A 28 12.16 -21.47 -5.99
N TYR A 29 11.29 -20.75 -6.69
CA TYR A 29 11.25 -19.28 -6.62
C TYR A 29 9.79 -18.73 -6.54
N LEU A 30 9.64 -17.43 -6.32
CA LEU A 30 8.27 -16.84 -6.38
C LEU A 30 7.65 -16.65 -7.77
N ASP A 31 6.44 -17.22 -7.97
CA ASP A 31 5.65 -16.93 -9.18
C ASP A 31 4.83 -15.63 -9.10
N ALA A 32 4.37 -15.33 -7.90
CA ALA A 32 3.41 -14.24 -7.71
C ALA A 32 3.39 -13.81 -6.25
N ILE A 33 3.04 -12.56 -6.04
CA ILE A 33 2.78 -12.04 -4.73
C ILE A 33 1.37 -11.48 -4.90
N ILE A 34 0.55 -11.68 -3.87
CA ILE A 34 -0.86 -11.24 -3.84
C ILE A 34 -0.97 -10.21 -2.72
N ILE A 35 -1.23 -8.95 -3.08
CA ILE A 35 -1.22 -7.88 -2.09
C ILE A 35 -2.62 -7.28 -1.93
N ASP A 36 -3.13 -7.32 -0.70
CA ASP A 36 -4.54 -7.11 -0.44
C ASP A 36 -5.47 -7.73 -1.52
N GLY A 37 -5.26 -8.98 -1.90
CA GLY A 37 -6.20 -9.63 -2.85
C GLY A 37 -5.82 -9.51 -4.32
N VAL A 38 -4.99 -8.52 -4.68
CA VAL A 38 -4.52 -8.35 -6.08
C VAL A 38 -3.26 -9.14 -6.48
N HIS A 39 -3.43 -9.90 -7.54
CA HIS A 39 -2.53 -10.91 -7.99
C HIS A 39 -1.45 -10.29 -8.89
N HIS A 40 -0.18 -10.47 -8.55
CA HIS A 40 0.93 -9.88 -9.37
C HIS A 40 1.93 -10.97 -9.70
N GLY A 41 1.91 -11.40 -10.98
CA GLY A 41 2.78 -12.46 -11.45
C GLY A 41 1.99 -13.59 -12.06
N GLY A 42 2.63 -14.76 -12.18
CA GLY A 42 2.11 -15.93 -12.92
C GLY A 42 1.14 -16.85 -12.19
N SER A 43 0.74 -17.92 -12.92
CA SER A 43 -0.19 -19.00 -12.47
C SER A 43 0.54 -20.15 -11.84
N GLY A 44 1.86 -20.10 -11.89
CA GLY A 44 2.71 -21.16 -11.43
C GLY A 44 2.80 -21.27 -9.94
N GLY A 45 3.47 -22.36 -9.54
CA GLY A 45 3.80 -22.68 -8.16
C GLY A 45 2.59 -23.01 -7.31
N ASN A 46 2.78 -22.88 -6.00
CA ASN A 46 1.72 -23.22 -5.02
C ASN A 46 1.29 -22.00 -4.22
N LEU A 47 -0.03 -21.86 -4.00
CA LEU A 47 -0.59 -20.68 -3.29
C LEU A 47 -0.54 -20.78 -1.78
N SER A 48 0.18 -19.84 -1.18
CA SER A 48 0.33 -19.84 0.25
C SER A 48 -1.02 -19.41 0.88
N PRO A 49 -1.18 -19.64 2.20
CA PRO A 49 -2.32 -19.05 2.93
C PRO A 49 -2.12 -17.56 2.88
N THR A 50 -3.20 -16.80 3.00
CA THR A 50 -3.08 -15.39 3.10
C THR A 50 -2.78 -14.91 4.53
N PHE A 51 -1.79 -14.05 4.66
CA PHE A 51 -1.57 -13.37 5.93
C PHE A 51 -2.35 -12.05 5.97
N THR A 52 -3.18 -11.84 6.99
CA THR A 52 -4.01 -10.58 7.09
C THR A 52 -3.63 -9.88 8.38
N PHE A 53 -3.19 -8.63 8.29
CA PHE A 53 -2.60 -7.94 9.41
C PHE A 53 -3.76 -7.49 10.32
N GLY A 54 -3.59 -7.69 11.61
CA GLY A 54 -4.57 -7.27 12.59
C GLY A 54 -4.42 -5.78 12.77
N SER A 55 -5.39 -5.19 13.45
CA SER A 55 -5.26 -3.81 13.96
C SER A 55 -3.92 -3.61 14.66
N GLY A 56 -3.24 -2.54 14.31
CA GLY A 56 -1.89 -2.23 14.81
C GLY A 56 -0.66 -3.12 14.52
N GLU A 57 -0.82 -4.08 13.62
CA GLU A 57 0.21 -5.01 13.29
C GLU A 57 0.87 -4.62 11.94
N TYR A 58 2.19 -4.80 11.83
CA TYR A 58 2.92 -4.40 10.61
C TYR A 58 4.09 -5.34 10.50
N ILE A 59 4.78 -5.31 9.35
CA ILE A 59 5.98 -6.17 9.28
C ILE A 59 7.15 -5.51 9.99
N SER A 60 7.75 -6.16 10.99
CA SER A 60 8.95 -5.59 11.69
C SER A 60 10.32 -6.11 11.24
N ASN A 61 10.32 -7.28 10.62
CA ASN A 61 11.48 -8.01 10.13
C ASN A 61 11.05 -8.76 8.89
N MET A 62 11.96 -8.94 7.94
CA MET A 62 11.61 -9.51 6.63
C MET A 62 12.89 -10.02 6.04
N THR A 63 12.89 -11.29 5.65
CA THR A 63 14.02 -11.89 4.93
C THR A 63 13.56 -12.20 3.53
N ILE A 64 14.34 -11.71 2.58
CA ILE A 64 14.07 -11.92 1.16
C ILE A 64 15.29 -12.68 0.62
N ARG A 65 15.06 -13.80 -0.07
CA ARG A 65 16.12 -14.31 -0.94
C ARG A 65 15.84 -13.90 -2.37
N SER A 66 16.89 -13.58 -3.12
CA SER A 66 16.71 -13.13 -4.51
C SER A 66 17.95 -13.25 -5.41
N GLY A 67 17.71 -13.32 -6.71
CA GLY A 67 18.76 -13.31 -7.70
C GLY A 67 18.24 -12.54 -8.87
N ASP A 68 17.85 -13.25 -9.93
CA ASP A 68 17.19 -12.61 -11.06
C ASP A 68 15.72 -12.50 -10.72
N TYR A 69 15.29 -13.39 -9.83
CA TYR A 69 13.90 -13.46 -9.35
C TYR A 69 13.91 -13.29 -7.84
N ILE A 70 12.74 -12.96 -7.26
CA ILE A 70 12.54 -13.18 -5.84
C ILE A 70 12.46 -14.66 -5.63
N ASP A 71 13.24 -15.19 -4.68
CA ASP A 71 13.32 -16.64 -4.55
C ASP A 71 12.61 -17.17 -3.33
N ASN A 72 12.61 -16.34 -2.30
CA ASN A 72 12.00 -16.68 -1.02
C ASN A 72 11.63 -15.39 -0.28
N ILE A 73 10.47 -15.40 0.39
CA ILE A 73 10.07 -14.38 1.35
C ILE A 73 9.65 -15.03 2.64
N SER A 74 10.12 -14.46 3.75
CA SER A 74 9.52 -14.70 5.00
C SER A 74 9.46 -13.33 5.67
N PHE A 75 8.52 -13.13 6.60
CA PHE A 75 8.53 -11.97 7.48
C PHE A 75 7.97 -12.28 8.88
N GLU A 76 8.35 -11.44 9.84
CA GLU A 76 7.75 -11.41 11.18
C GLU A 76 7.07 -10.04 11.37
N THR A 77 5.96 -10.02 12.14
CA THR A 77 5.26 -8.78 12.55
C THR A 77 5.62 -8.33 13.95
N ASN A 78 5.27 -7.07 14.29
CA ASN A 78 5.49 -6.57 15.64
C ASN A 78 4.78 -7.44 16.69
N MET A 79 3.82 -8.25 16.26
CA MET A 79 3.08 -9.04 17.21
C MET A 79 3.50 -10.49 17.30
N GLY A 80 4.68 -10.82 16.79
CA GLY A 80 5.20 -12.15 16.91
C GLY A 80 4.63 -13.15 15.92
N ARG A 81 3.98 -12.67 14.86
CA ARG A 81 3.49 -13.64 13.85
C ARG A 81 4.48 -13.79 12.69
N ARG A 82 4.55 -14.99 12.12
CA ARG A 82 5.51 -15.35 11.05
C ARG A 82 4.76 -15.70 9.79
N PHE A 83 5.21 -15.16 8.66
CA PHE A 83 4.75 -15.59 7.35
C PHE A 83 5.95 -16.23 6.62
N GLY A 84 5.73 -17.39 6.03
CA GLY A 84 6.84 -18.15 5.46
C GLY A 84 7.84 -18.73 6.45
N PRO A 85 9.06 -19.03 5.98
CA PRO A 85 9.62 -18.79 4.63
C PRO A 85 8.79 -19.49 3.55
N TYR A 86 8.53 -18.84 2.43
CA TYR A 86 7.95 -19.50 1.22
C TYR A 86 8.88 -19.26 0.03
N GLY A 87 9.35 -20.35 -0.59
CA GLY A 87 10.07 -20.32 -1.88
C GLY A 87 11.30 -21.24 -1.82
N GLY A 88 12.30 -20.94 -2.62
CA GLY A 88 13.47 -21.76 -2.72
C GLY A 88 14.58 -21.36 -1.78
N SER A 89 15.67 -22.13 -1.83
CA SER A 89 16.81 -21.86 -0.95
C SER A 89 18.02 -21.26 -1.65
N GLY A 90 17.88 -20.94 -2.93
CA GLY A 90 18.96 -20.29 -3.68
C GLY A 90 18.96 -18.76 -3.62
N GLY A 91 19.69 -18.15 -4.54
CA GLY A 91 19.91 -16.68 -4.56
C GLY A 91 20.58 -16.18 -3.29
N SER A 92 20.63 -14.85 -3.10
CA SER A 92 21.23 -14.29 -1.87
C SER A 92 20.14 -13.73 -0.94
N ALA A 93 20.40 -13.89 0.35
CA ALA A 93 19.53 -13.55 1.44
C ALA A 93 19.85 -12.12 1.95
N ASN A 94 18.80 -11.35 2.20
CA ASN A 94 18.88 -9.93 2.60
C ASN A 94 17.78 -9.69 3.65
N THR A 95 18.15 -9.17 4.81
CA THR A 95 17.19 -8.99 5.89
C THR A 95 17.00 -7.55 6.34
N LEU A 96 15.73 -7.19 6.51
CA LEU A 96 15.33 -5.93 7.09
C LEU A 96 14.93 -6.24 8.56
N SER A 97 15.53 -5.53 9.53
CA SER A 97 15.22 -5.71 10.93
C SER A 97 14.90 -4.35 11.54
N ASN A 98 14.06 -4.34 12.56
CA ASN A 98 13.69 -3.10 13.25
C ASN A 98 13.04 -2.14 12.22
N VAL A 99 12.11 -2.64 11.40
CA VAL A 99 11.50 -1.78 10.41
C VAL A 99 9.99 -1.65 10.67
N LYS A 100 9.33 -0.78 9.93
CA LYS A 100 7.92 -0.95 9.73
C LYS A 100 7.71 -0.83 8.23
N VAL A 101 7.21 -1.90 7.61
CA VAL A 101 6.97 -1.90 6.18
C VAL A 101 5.73 -1.08 5.90
N ILE A 102 5.90 -0.15 4.97
CA ILE A 102 4.85 0.72 4.51
C ILE A 102 4.15 0.24 3.26
N GLN A 103 4.95 -0.15 2.27
CA GLN A 103 4.41 -0.54 0.98
C GLN A 103 5.31 -1.59 0.37
N ILE A 104 4.69 -2.44 -0.43
CA ILE A 104 5.38 -3.38 -1.27
C ILE A 104 4.97 -3.15 -2.75
N ASN A 105 5.92 -2.66 -3.58
CA ASN A 105 5.75 -2.60 -5.04
C ASN A 105 6.68 -3.66 -5.65
N GLY A 106 6.70 -3.82 -6.97
CA GLY A 106 7.61 -4.80 -7.59
C GLY A 106 7.48 -4.82 -9.07
N SER A 107 8.05 -5.83 -9.72
CA SER A 107 7.76 -6.16 -11.13
C SER A 107 7.56 -7.62 -11.31
N ALA A 108 6.59 -7.93 -12.14
CA ALA A 108 6.09 -9.29 -12.26
C ALA A 108 5.68 -9.63 -13.70
N GLY A 109 5.97 -10.84 -14.10
CA GLY A 109 5.56 -11.38 -15.40
C GLY A 109 5.02 -12.77 -15.14
N ASP A 110 5.66 -13.80 -15.65
CA ASP A 110 5.18 -15.14 -15.34
C ASP A 110 5.64 -15.43 -13.92
N TYR A 111 6.66 -14.72 -13.49
CA TYR A 111 7.23 -14.88 -12.17
C TYR A 111 7.33 -13.51 -11.48
N LEU A 112 7.68 -13.52 -10.19
CA LEU A 112 7.98 -12.28 -9.49
C LEU A 112 9.46 -11.94 -9.61
N ASP A 113 9.71 -10.87 -10.31
CA ASP A 113 11.08 -10.48 -10.68
C ASP A 113 11.80 -9.68 -9.65
N SER A 114 11.08 -8.73 -9.04
CA SER A 114 11.66 -7.74 -8.14
C SER A 114 10.57 -7.18 -7.17
N LEU A 115 11.02 -6.66 -6.03
CA LEU A 115 10.18 -5.99 -5.02
C LEU A 115 10.91 -4.71 -4.70
N ASP A 116 10.16 -3.65 -4.49
CA ASP A 116 10.70 -2.38 -4.04
C ASP A 116 9.93 -2.17 -2.74
N ILE A 117 10.64 -2.35 -1.63
CA ILE A 117 10.01 -2.31 -0.31
C ILE A 117 10.26 -0.95 0.28
N TYR A 118 9.16 -0.32 0.67
CA TYR A 118 9.12 1.00 1.31
C TYR A 118 8.89 0.73 2.79
N TYR A 119 9.68 1.37 3.63
CA TYR A 119 9.70 1.03 5.04
C TYR A 119 10.32 2.13 5.87
N GLU A 120 9.89 2.18 7.14
CA GLU A 120 10.55 3.02 8.10
C GLU A 120 11.64 2.18 8.70
N GLN A 121 12.86 2.73 8.77
CA GLN A 121 14.00 2.03 9.45
C GLN A 121 14.24 2.55 10.89
N TYR A 122 14.08 1.70 11.90
CA TYR A 122 14.30 2.12 13.31
C TYR A 122 15.63 1.64 13.88
C ACE B 1 12.12 7.09 10.64
O ACE B 1 11.61 8.15 10.26
CH3 ACE B 1 11.53 6.30 11.75
N SER B 2 13.10 6.44 9.99
CA SER B 2 13.80 6.97 8.81
C SER B 2 13.23 6.27 7.58
N LEU B 3 12.48 7.02 6.79
CA LEU B 3 11.72 6.48 5.69
C LEU B 3 12.65 6.21 4.54
N THR B 4 12.59 4.98 4.04
CA THR B 4 13.43 4.60 2.94
C THR B 4 12.76 3.51 2.08
N HIS B 5 13.46 3.00 1.07
CA HIS B 5 13.03 1.84 0.31
C HIS B 5 14.23 1.07 -0.20
N ARG B 6 14.04 -0.22 -0.43
CA ARG B 6 15.10 -1.03 -1.01
C ARG B 6 14.50 -1.95 -2.10
N LYS B 7 15.23 -2.07 -3.20
CA LYS B 7 14.97 -2.99 -4.29
C LYS B 7 15.67 -4.35 -4.11
N PHE B 8 15.00 -5.43 -4.52
CA PHE B 8 15.56 -6.78 -4.55
C PHE B 8 15.07 -7.39 -5.86
N GLY B 9 15.83 -8.36 -6.38
CA GLY B 9 15.39 -9.13 -7.55
C GLY B 9 16.06 -8.65 -8.82
N GLY B 10 15.58 -9.09 -9.98
CA GLY B 10 16.25 -8.87 -11.25
C GLY B 10 15.53 -7.82 -12.02
N SER B 11 15.59 -7.88 -13.35
CA SER B 11 15.20 -6.74 -14.17
C SER B 11 13.99 -7.00 -14.98
N GLY B 12 13.50 -8.23 -14.93
CA GLY B 12 12.28 -8.55 -15.67
C GLY B 12 11.00 -7.95 -15.09
N GLY B 13 9.90 -8.18 -15.83
CA GLY B 13 8.54 -7.85 -15.44
C GLY B 13 7.99 -6.50 -15.84
N SER B 14 6.65 -6.41 -15.80
CA SER B 14 5.97 -5.11 -15.74
C SER B 14 5.88 -4.72 -14.27
N PRO B 15 6.06 -3.42 -13.99
CA PRO B 15 5.99 -2.87 -12.64
C PRO B 15 4.55 -2.80 -12.14
N PHE B 16 4.41 -2.92 -10.81
CA PHE B 16 3.09 -2.90 -10.14
C PHE B 16 3.20 -2.15 -8.81
N SER B 17 2.08 -1.60 -8.37
CA SER B 17 1.98 -1.00 -7.06
C SER B 17 1.17 -1.89 -6.12
N GLY B 18 1.52 -1.86 -4.83
CA GLY B 18 0.66 -2.46 -3.82
C GLY B 18 -0.63 -1.69 -3.70
N LEU B 19 -0.63 -0.42 -4.07
CA LEU B 19 -1.85 0.36 -4.00
C LEU B 19 -2.59 0.26 -5.37
N SER B 20 -3.65 -0.55 -5.40
CA SER B 20 -4.43 -0.86 -6.59
C SER B 20 -5.70 -0.06 -6.77
N SER B 21 -6.43 0.22 -5.70
CA SER B 21 -7.70 0.87 -5.91
C SER B 21 -8.11 1.73 -4.76
N ILE B 22 -8.96 2.72 -5.08
CA ILE B 22 -9.43 3.65 -4.09
C ILE B 22 -10.93 3.88 -4.21
N ALA B 23 -11.61 3.78 -3.08
CA ALA B 23 -12.97 4.32 -2.95
C ALA B 23 -13.15 5.06 -1.64
N VAL B 24 -14.23 5.82 -1.53
CA VAL B 24 -14.57 6.50 -0.30
C VAL B 24 -16.08 6.35 -0.01
N ARG B 25 -16.46 6.42 1.26
CA ARG B 25 -17.82 6.80 1.64
C ARG B 25 -17.71 8.26 2.05
N SER B 26 -18.58 9.12 1.51
CA SER B 26 -18.63 10.51 1.94
C SER B 26 -20.07 11.10 1.95
N GLY B 27 -20.29 12.09 2.80
CA GLY B 27 -21.44 12.98 2.66
C GLY B 27 -20.94 14.42 2.58
N SER B 28 -20.94 15.09 3.72
CA SER B 28 -20.28 16.37 3.83
C SER B 28 -18.89 16.16 4.46
N TYR B 29 -18.65 14.96 5.00
CA TYR B 29 -17.30 14.60 5.38
C TYR B 29 -16.89 13.37 4.57
N LEU B 30 -15.73 12.82 4.94
CA LEU B 30 -15.31 11.46 4.57
C LEU B 30 -15.63 10.53 5.71
N ASP B 31 -16.54 9.59 5.47
CA ASP B 31 -16.96 8.58 6.47
C ASP B 31 -15.95 7.42 6.44
N ALA B 32 -15.43 7.14 5.25
CA ALA B 32 -14.54 6.04 4.98
C ALA B 32 -13.70 6.29 3.73
N ILE B 33 -12.51 5.73 3.78
CA ILE B 33 -11.74 5.47 2.57
C ILE B 33 -11.63 3.94 2.40
N ILE B 34 -11.79 3.48 1.16
CA ILE B 34 -11.63 2.09 0.87
C ILE B 34 -10.34 1.86 -0.01
N ILE B 35 -9.41 1.07 0.51
CA ILE B 35 -8.11 0.88 -0.22
C ILE B 35 -7.99 -0.61 -0.62
N ASP B 36 -7.80 -0.88 -1.92
CA ASP B 36 -7.86 -2.27 -2.47
C ASP B 36 -9.04 -3.07 -1.86
N GLY B 37 -10.17 -2.39 -1.64
CA GLY B 37 -11.40 -3.05 -1.25
C GLY B 37 -11.59 -3.11 0.23
N VAL B 38 -10.57 -2.73 1.00
CA VAL B 38 -10.59 -2.85 2.46
C VAL B 38 -11.10 -1.53 3.03
N HIS B 39 -12.13 -1.62 3.91
CA HIS B 39 -12.88 -0.48 4.47
C HIS B 39 -12.22 0.06 5.69
N HIS B 40 -12.08 1.39 5.74
CA HIS B 40 -11.45 2.07 6.89
C HIS B 40 -12.30 3.30 7.25
N GLY B 41 -13.10 3.21 8.31
CA GLY B 41 -14.09 4.24 8.62
C GLY B 41 -15.45 3.67 9.05
N GLY B 42 -16.47 4.53 9.00
CA GLY B 42 -17.82 4.11 9.35
C GLY B 42 -18.70 3.83 8.15
N SER B 43 -20.01 3.96 8.36
CA SER B 43 -21.05 3.48 7.45
C SER B 43 -21.81 4.59 6.79
N GLY B 44 -21.65 5.78 7.33
CA GLY B 44 -22.32 6.96 6.84
C GLY B 44 -21.91 7.32 5.44
N GLY B 45 -22.57 8.36 4.90
CA GLY B 45 -22.35 8.83 3.54
C GLY B 45 -22.65 7.81 2.47
N ASN B 46 -22.38 8.20 1.23
CA ASN B 46 -22.59 7.33 0.09
C ASN B 46 -21.25 6.75 -0.40
N LEU B 47 -21.32 5.53 -0.93
CA LEU B 47 -20.15 4.88 -1.43
C LEU B 47 -19.91 5.31 -2.89
N SER B 48 -18.72 5.89 -3.10
CA SER B 48 -18.30 6.26 -4.42
C SER B 48 -18.01 5.01 -5.25
N PRO B 49 -18.05 5.14 -6.58
CA PRO B 49 -17.46 4.18 -7.46
C PRO B 49 -15.97 3.92 -7.06
N THR B 50 -15.48 2.77 -7.50
CA THR B 50 -14.10 2.36 -7.29
C THR B 50 -13.19 2.81 -8.42
N PHE B 51 -12.14 3.55 -8.06
CA PHE B 51 -11.01 3.90 -8.94
C PHE B 51 -9.87 2.87 -8.84
N THR B 52 -9.61 2.19 -9.93
CA THR B 52 -8.57 1.17 -9.95
C THR B 52 -7.51 1.74 -10.90
N PHE B 53 -6.28 1.82 -10.41
CA PHE B 53 -5.12 2.34 -11.15
C PHE B 53 -4.73 1.37 -12.23
N GLY B 54 -4.46 1.87 -13.43
CA GLY B 54 -3.89 1.02 -14.46
C GLY B 54 -2.42 0.75 -14.25
N SER B 55 -1.85 -0.13 -15.09
CA SER B 55 -0.41 -0.38 -15.06
C SER B 55 0.33 0.92 -15.21
N GLY B 56 1.33 1.15 -14.35
CA GLY B 56 2.11 2.39 -14.41
C GLY B 56 1.35 3.69 -14.07
N GLU B 57 0.11 3.59 -13.60
CA GLU B 57 -0.65 4.77 -13.18
C GLU B 57 -0.55 4.96 -11.67
N TYR B 58 -0.49 6.22 -11.24
CA TYR B 58 -0.31 6.57 -9.84
C TYR B 58 -0.85 7.96 -9.64
N ILE B 59 -1.19 8.33 -8.41
CA ILE B 59 -1.56 9.69 -8.06
C ILE B 59 -0.35 10.65 -8.13
N SER B 60 -0.47 11.69 -8.96
CA SER B 60 0.56 12.74 -9.17
C SER B 60 0.15 14.06 -8.55
N ASN B 61 -1.16 14.21 -8.33
CA ASN B 61 -1.74 15.43 -7.82
C ASN B 61 -2.90 15.06 -6.92
N MET B 62 -2.92 15.65 -5.73
CA MET B 62 -3.97 15.35 -4.79
C MET B 62 -4.39 16.62 -4.01
N THR B 63 -5.71 16.90 -3.98
CA THR B 63 -6.32 17.97 -3.14
C THR B 63 -7.15 17.40 -1.99
N ILE B 64 -6.73 17.66 -0.75
CA ILE B 64 -7.43 17.18 0.45
C ILE B 64 -7.86 18.36 1.35
N ARG B 65 -9.17 18.60 1.49
CA ARG B 65 -9.64 19.61 2.49
C ARG B 65 -9.78 18.91 3.84
N SER B 66 -9.23 19.51 4.89
CA SER B 66 -9.19 18.83 6.19
C SER B 66 -9.08 19.78 7.42
N GLY B 67 -9.49 19.28 8.58
CA GLY B 67 -9.58 20.06 9.81
C GLY B 67 -9.25 19.09 10.90
N ASP B 68 -10.22 18.77 11.75
CA ASP B 68 -10.10 17.62 12.68
C ASP B 68 -10.44 16.30 11.95
N TYR B 69 -11.15 16.40 10.85
CA TYR B 69 -11.45 15.22 10.00
C TYR B 69 -11.02 15.49 8.59
N ILE B 70 -11.13 14.47 7.72
CA ILE B 70 -11.02 14.68 6.30
C ILE B 70 -12.36 15.10 5.68
N ASP B 71 -12.37 16.26 4.99
CA ASP B 71 -13.61 16.87 4.53
C ASP B 71 -13.87 16.57 3.08
N ASN B 72 -12.77 16.39 2.34
CA ASN B 72 -12.81 16.24 0.91
C ASN B 72 -11.47 15.66 0.40
N ILE B 73 -11.56 14.92 -0.71
CA ILE B 73 -10.43 14.35 -1.44
C ILE B 73 -10.73 14.37 -2.92
N SER B 74 -9.75 14.82 -3.69
CA SER B 74 -9.73 14.58 -5.12
C SER B 74 -8.26 14.33 -5.48
N PHE B 75 -8.04 13.61 -6.57
CA PHE B 75 -6.68 13.48 -7.06
C PHE B 75 -6.68 13.41 -8.57
N GLU B 76 -5.49 13.55 -9.12
CA GLU B 76 -5.31 13.27 -10.51
C GLU B 76 -4.17 12.27 -10.63
N THR B 77 -4.19 11.46 -11.69
CA THR B 77 -3.10 10.53 -11.97
C THR B 77 -2.16 11.11 -13.02
N ASN B 78 -1.02 10.43 -13.23
CA ASN B 78 0.01 10.81 -14.23
C ASN B 78 -0.48 10.57 -15.64
N MET B 79 -1.59 9.85 -15.74
CA MET B 79 -2.26 9.47 -16.98
C MET B 79 -3.50 10.28 -17.26
N GLY B 80 -3.73 11.29 -16.44
CA GLY B 80 -4.71 12.28 -16.71
C GLY B 80 -6.04 11.92 -16.13
N ARG B 81 -6.20 10.70 -15.58
CA ARG B 81 -7.51 10.32 -15.00
C ARG B 81 -7.69 10.99 -13.63
N ARG B 82 -8.93 11.05 -13.15
CA ARG B 82 -9.29 11.88 -12.01
C ARG B 82 -10.36 11.23 -11.11
N PHE B 83 -10.29 11.52 -9.82
CA PHE B 83 -11.17 10.94 -8.83
C PHE B 83 -11.63 12.06 -7.97
N GLY B 84 -12.92 12.13 -7.69
CA GLY B 84 -13.46 13.19 -6.82
C GLY B 84 -13.64 14.52 -7.54
N PRO B 85 -13.89 15.62 -6.80
CA PRO B 85 -13.89 15.63 -5.31
C PRO B 85 -15.13 14.93 -4.70
N TYR B 86 -14.95 14.36 -3.52
CA TYR B 86 -16.01 13.75 -2.78
C TYR B 86 -15.81 14.30 -1.39
N GLY B 87 -16.92 14.70 -0.75
CA GLY B 87 -16.90 15.30 0.59
C GLY B 87 -17.59 16.65 0.62
N GLY B 88 -17.50 17.34 1.76
CA GLY B 88 -17.96 18.72 1.91
C GLY B 88 -17.00 19.82 1.46
N SER B 89 -17.47 21.08 1.57
CA SER B 89 -16.64 22.28 1.35
C SER B 89 -15.91 22.76 2.61
N GLY B 90 -16.08 22.05 3.73
CA GLY B 90 -15.37 22.44 4.94
C GLY B 90 -13.86 22.22 4.94
N GLY B 91 -13.21 22.55 6.07
CA GLY B 91 -11.78 22.36 6.25
C GLY B 91 -10.89 23.29 5.43
N SER B 92 -9.57 23.19 5.67
CA SER B 92 -8.50 23.90 4.90
C SER B 92 -8.10 23.09 3.61
N ALA B 93 -7.86 23.71 2.46
CA ALA B 93 -7.34 22.92 1.33
C ALA B 93 -5.80 22.86 1.33
N ASN B 94 -5.24 21.64 1.18
CA ASN B 94 -3.82 21.41 1.03
C ASN B 94 -3.61 20.62 -0.24
N THR B 95 -2.55 20.91 -0.99
CA THR B 95 -2.40 20.25 -2.28
C THR B 95 -1.07 19.50 -2.36
N LEU B 96 -1.04 18.40 -3.09
CA LEU B 96 0.20 17.74 -3.46
C LEU B 96 0.30 17.83 -4.95
N SER B 97 1.46 18.24 -5.42
CA SER B 97 1.59 18.37 -6.84
C SER B 97 2.94 17.88 -7.23
N ASN B 98 3.02 17.32 -8.43
CA ASN B 98 4.20 16.66 -8.99
C ASN B 98 4.75 15.57 -8.07
N VAL B 99 3.84 14.78 -7.53
CA VAL B 99 4.19 13.68 -6.67
C VAL B 99 3.95 12.32 -7.30
N LYS B 100 4.45 11.31 -6.59
CA LYS B 100 4.02 9.95 -6.77
C LYS B 100 3.58 9.33 -5.43
N VAL B 101 2.29 9.11 -5.26
CA VAL B 101 1.79 8.48 -4.02
C VAL B 101 2.12 6.98 -4.07
N ILE B 102 2.89 6.61 -3.08
CA ILE B 102 3.33 5.25 -2.84
C ILE B 102 2.33 4.52 -1.94
N GLN B 103 1.90 5.17 -0.89
CA GLN B 103 0.95 4.52 0.05
C GLN B 103 0.02 5.55 0.66
N ILE B 104 -1.13 5.07 1.14
CA ILE B 104 -2.13 5.82 1.89
C ILE B 104 -2.54 5.10 3.22
N ASN B 105 -1.97 5.56 4.32
CA ASN B 105 -2.30 5.11 5.65
C ASN B 105 -3.17 6.21 6.24
N GLY B 106 -3.64 6.01 7.43
CA GLY B 106 -4.45 7.00 8.09
C GLY B 106 -4.95 6.50 9.45
N SER B 107 -5.95 7.19 9.99
CA SER B 107 -6.57 6.81 11.29
C SER B 107 -8.02 7.05 11.08
N ALA B 108 -8.89 6.09 11.43
CA ALA B 108 -10.34 6.16 11.28
C ALA B 108 -11.12 5.59 12.49
N GLY B 109 -12.28 6.18 12.74
CA GLY B 109 -13.23 5.66 13.70
C GLY B 109 -14.52 5.41 12.96
N ASP B 110 -15.55 6.17 13.27
CA ASP B 110 -16.79 6.23 12.48
C ASP B 110 -16.68 7.12 11.25
N TYR B 111 -15.64 7.96 11.27
CA TYR B 111 -15.33 8.92 10.21
C TYR B 111 -13.85 8.81 9.85
N LEU B 112 -13.47 9.30 8.68
CA LEU B 112 -12.04 9.34 8.37
C LEU B 112 -11.38 10.53 9.11
N ASP B 113 -10.57 10.27 10.13
CA ASP B 113 -10.01 11.35 10.94
C ASP B 113 -8.80 12.00 10.23
N SER B 114 -7.86 11.12 9.82
CA SER B 114 -6.59 11.53 9.26
C SER B 114 -6.09 10.60 8.10
N LEU B 115 -5.22 11.15 7.26
CA LEU B 115 -4.51 10.36 6.27
C LEU B 115 -3.05 10.67 6.38
N ASP B 116 -2.21 9.64 6.30
CA ASP B 116 -0.79 9.76 6.23
C ASP B 116 -0.43 9.29 4.83
N ILE B 117 0.01 10.22 4.01
CA ILE B 117 0.22 9.96 2.61
C ILE B 117 1.72 9.85 2.41
N TYR B 118 2.18 8.64 1.99
CA TYR B 118 3.60 8.41 1.65
C TYR B 118 3.80 8.63 0.19
N TYR B 119 4.83 9.42 -0.16
CA TYR B 119 4.89 9.89 -1.56
C TYR B 119 6.29 10.29 -1.98
N GLU B 120 6.54 10.28 -3.29
CA GLU B 120 7.76 10.92 -3.82
C GLU B 120 7.42 12.29 -4.40
N GLN B 121 8.12 13.28 -3.88
CA GLN B 121 8.10 14.62 -4.41
C GLN B 121 9.13 14.77 -5.55
N TYR B 122 8.61 15.00 -6.76
CA TYR B 122 9.39 15.30 -7.95
C TYR B 122 9.49 16.80 -8.21
S SO4 C . 8.88 -12.78 -16.59
O1 SO4 C . 7.76 -12.56 -17.48
O2 SO4 C . 9.37 -14.14 -16.82
O3 SO4 C . 8.51 -12.63 -15.18
O4 SO4 C . 9.94 -11.80 -16.82
S SO4 D . 6.47 12.18 11.89
O1 SO4 D . 6.06 10.79 11.95
O2 SO4 D . 6.84 12.66 13.21
O3 SO4 D . 5.34 13.01 11.47
O4 SO4 D . 7.59 12.31 10.95
C1 EDO E . -2.11 -0.84 -0.78
O1 EDO E . -1.44 0.43 -0.73
C2 EDO E . -1.16 -1.99 -0.52
O2 EDO E . -0.13 -1.67 0.41
C1 EDO F . 12.39 -11.99 9.10
O1 EDO F . 13.78 -11.81 8.79
C2 EDO F . 11.83 -13.23 8.44
O2 EDO F . 11.15 -14.02 9.44
C1 EDO G . 1.15 -3.58 7.60
O1 EDO G . 0.87 -2.54 6.69
C2 EDO G . 2.34 -4.29 6.96
O2 EDO G . 3.66 -3.90 7.38
C1 EDO H . 7.81 2.61 -7.46
O1 EDO H . 7.93 1.64 -6.44
C2 EDO H . 9.02 2.20 -8.25
O2 EDO H . 9.22 0.91 -7.66
C1 EDO I . 8.78 -1.62 -9.73
O1 EDO I . 7.67 -0.83 -9.16
C2 EDO I . 9.96 -1.80 -8.78
O2 EDO I . 10.55 -3.14 -8.76
C1 EDO J . -5.51 -19.10 -0.27
O1 EDO J . -5.53 -20.13 0.70
C2 EDO J . -4.78 -17.95 0.40
O2 EDO J . -4.02 -17.21 -0.51
C1 EDO K . -1.99 -13.52 11.71
O1 EDO K . -3.37 -13.83 11.79
C2 EDO K . -1.80 -12.19 12.43
O2 EDO K . -2.59 -11.13 11.88
C1 EDO L . 8.44 -23.60 -0.41
O1 EDO L . 8.15 -22.78 0.70
C2 EDO L . 7.28 -23.44 -1.36
O2 EDO L . 7.71 -22.73 -2.50
C1 EDO M . 1.80 -23.03 3.22
O1 EDO M . 1.93 -23.39 4.61
C2 EDO M . 0.81 -23.81 2.38
O2 EDO M . 1.23 -23.45 1.06
C1 EDO N . 20.82 -7.38 5.11
O1 EDO N . 21.20 -8.72 5.45
C2 EDO N . 21.95 -6.61 4.44
O2 EDO N . 21.38 -6.06 3.25
C1 EDO O . 3.69 -22.69 -0.97
O1 EDO O . 3.31 -23.40 0.18
C2 EDO O . 3.46 -21.24 -0.61
O2 EDO O . 3.42 -20.57 -1.83
C1 EDO P . -4.55 -3.27 7.72
O1 EDO P . -5.50 -2.72 6.78
C2 EDO P . -4.23 -2.15 8.69
O2 EDO P . -5.25 -1.20 8.46
C1 EDO Q . 13.65 -16.70 6.73
O1 EDO Q . 14.56 -16.71 7.84
C2 EDO Q . 14.12 -17.63 5.60
O2 EDO Q . 14.61 -16.88 4.48
C1 NAG R . -14.66 21.50 8.64
C2 NAG R . -14.36 22.54 9.73
C3 NAG R . -13.00 22.24 10.42
C4 NAG R . -13.17 20.82 11.01
C5 NAG R . -13.24 19.96 9.76
C6 NAG R . -12.93 18.48 9.97
C7 NAG R . -15.26 24.81 9.62
C8 NAG R . -16.02 24.54 10.89
N2 NAG R . -14.46 23.86 9.09
O1 NAG R . -15.96 21.70 8.05
O3 NAG R . -12.61 23.20 11.41
O4 NAG R . -12.21 20.37 11.97
O5 NAG R . -14.53 20.18 9.18
O6 NAG R . -13.88 17.86 10.84
O7 NAG R . -15.37 25.91 9.09
S SO4 S . -14.16 8.92 15.11
O1 SO4 S . -15.05 7.76 15.27
O2 SO4 S . -13.15 8.88 16.17
O3 SO4 S . -14.89 10.19 15.16
O4 SO4 S . -13.69 8.87 13.73
S SO4 T . 11.82 6.62 -10.61
O1 SO4 T . 11.23 5.96 -9.45
O2 SO4 T . 13.27 6.80 -10.35
O3 SO4 T . 11.21 7.96 -10.74
O4 SO4 T . 11.66 5.84 -11.82
S SO4 U . -13.61 13.99 -14.98
O1 SO4 U . -14.70 14.11 -15.96
O2 SO4 U . -13.47 12.60 -14.52
O3 SO4 U . -13.86 14.86 -13.81
O4 SO4 U . -12.34 14.36 -15.59
C1 EDO V . -1.23 5.09 -6.29
O1 EDO V . -0.56 6.29 -6.63
C2 EDO V . -1.01 4.02 -7.35
O2 EDO V . -0.23 3.01 -6.71
C1 EDO W . 19.70 -8.64 -6.38
O1 EDO W . 18.93 -9.83 -6.63
C2 EDO W . 18.96 -7.61 -5.55
O2 EDO W . 19.17 -6.32 -6.16
C1 EDO X . -17.20 -0.21 1.93
O1 EDO X . -18.02 0.80 2.55
C2 EDO X . -17.76 -0.57 0.55
O2 EDO X . -16.72 -1.04 -0.32
C1 EDO Y . 1.11 17.04 -10.59
O1 EDO Y . 0.54 18.25 -10.06
C2 EDO Y . 0.18 16.36 -11.59
O2 EDO Y . 1.06 15.88 -12.60
C1 EDO Z . -23.37 13.09 5.86
O1 EDO Z . -24.48 14.00 6.05
C2 EDO Z . -22.29 13.32 6.93
O2 EDO Z . -21.05 12.72 6.52
C1 EDO AA . -10.79 19.18 -1.93
O1 EDO AA . -10.66 17.91 -2.59
C2 EDO AA . -10.87 20.38 -2.86
O2 EDO AA . -11.65 20.05 -4.01
C1 EDO BA . -0.51 5.98 10.14
O1 EDO BA . -1.00 4.62 10.22
C2 EDO BA . 1.01 6.14 9.95
O2 EDO BA . 1.54 5.42 8.85
C1 EDO CA . -24.39 4.63 -1.29
O1 EDO CA . -24.51 4.13 0.05
C2 EDO CA . -24.87 3.55 -2.22
O2 EDO CA . -24.22 2.36 -1.80
#